data_7UMW
#
_entry.id   7UMW
#
_cell.length_a   79.540
_cell.length_b   79.540
_cell.length_c   323.680
_cell.angle_alpha   90.000
_cell.angle_beta   90.000
_cell.angle_gamma   120.000
#
_symmetry.space_group_name_H-M   'P 61 2 2'
#
loop_
_entity.id
_entity.type
_entity.pdbx_description
1 polymer 'Enoyl-[acyl-carrier-protein] reductase [NADH] FabI'
2 non-polymer NICOTINAMIDE-ADENINE-DINUCLEOTIDE
3 non-polymer (2E)-3-[(7S)-7-amino-8-oxo-6,7,8,9-tetrahydro-5H-pyrido[2,3-b]azepin-3-yl]-N-methyl-N-[(3-methyl-1-benzofuran-2-yl)methyl]prop-2-enamide
4 water water
#
_entity_poly.entity_id   1
_entity_poly.type   'polypeptide(L)'
_entity_poly.pdbx_seq_one_letter_code
;GDHGMGFLSGKRILVTGVASKLSIAYGIAQAMHREGAELAFTYQNDKLKGRVEEFAAQLGSDIVLQCDVAEDASIDTMFA
ELGKVWPKFDGFVHSIGFAPGDQLDGDYVNAVTREGFKIAHDISSYSFVAMAKACRSMLNPGSALLTLSYLGAERAIPNY
NVMGLAKASLEANVRYMANAMGPEGVRVNAISAGPIRTLAASGIKDFRKMLAHCEAVTPIRRTVTIEDVGNSAAFLCSDL
SAGISGEVVHVDGGFSIAAMNELELK
;
_entity_poly.pdbx_strand_id   A,B
#
# COMPACT_ATOMS: atom_id res chain seq x y z
N MET A 5 37.49 -10.73 9.85
CA MET A 5 36.81 -10.32 8.63
C MET A 5 35.29 -10.51 8.77
N GLY A 6 34.58 -9.39 8.94
CA GLY A 6 33.14 -9.44 9.16
C GLY A 6 32.40 -10.03 7.98
N PHE A 7 31.11 -10.29 8.19
CA PHE A 7 30.33 -10.93 7.14
C PHE A 7 29.80 -9.94 6.10
N LEU A 8 30.17 -8.65 6.17
CA LEU A 8 29.94 -7.74 5.05
C LEU A 8 31.26 -7.27 4.47
N SER A 9 32.31 -8.07 4.65
CA SER A 9 33.66 -7.56 4.58
C SER A 9 33.97 -6.92 3.24
N GLY A 10 33.60 -7.55 2.13
CA GLY A 10 33.92 -6.88 0.87
C GLY A 10 32.83 -6.07 0.20
N LYS A 11 31.85 -5.61 0.97
CA LYS A 11 30.64 -5.00 0.45
C LYS A 11 30.73 -3.49 0.58
N ARG A 12 30.17 -2.77 -0.39
CA ARG A 12 30.02 -1.33 -0.31
C ARG A 12 28.53 -0.99 -0.30
N ILE A 13 28.06 -0.39 0.78
CA ILE A 13 26.63 -0.16 1.00
C ILE A 13 26.38 1.33 1.24
N LEU A 14 25.39 1.87 0.55
CA LEU A 14 24.94 3.25 0.72
C LEU A 14 23.85 3.28 1.79
N VAL A 15 23.98 4.20 2.74
CA VAL A 15 23.07 4.31 3.86
C VAL A 15 22.38 5.67 3.82
N THR A 16 21.07 5.65 3.63
CA THR A 16 20.25 6.86 3.71
C THR A 16 19.71 7.02 5.12
N GLY A 17 19.25 8.23 5.45
CA GLY A 17 18.36 8.42 6.57
C GLY A 17 19.01 8.61 7.93
N VAL A 18 20.34 8.73 8.01
CA VAL A 18 20.97 9.08 9.28
C VAL A 18 20.65 10.55 9.57
N ALA A 19 19.88 10.81 10.64
CA ALA A 19 19.59 12.19 11.04
C ALA A 19 20.04 12.53 12.46
N SER A 20 20.31 11.53 13.28
CA SER A 20 20.74 11.69 14.66
C SER A 20 21.27 10.34 15.13
N LYS A 21 22.01 10.34 16.26
CA LYS A 21 22.48 9.08 16.85
C LYS A 21 21.33 8.18 17.27
N LEU A 22 20.11 8.67 17.29
CA LEU A 22 18.93 7.87 17.61
C LEU A 22 18.36 7.16 16.39
N SER A 23 18.72 7.61 15.19
CA SER A 23 18.12 7.10 13.96
C SER A 23 18.31 5.62 13.83
N ILE A 24 17.34 4.96 13.22
CA ILE A 24 17.50 3.54 12.93
C ILE A 24 18.69 3.34 11.99
N ALA A 25 18.84 4.25 11.02
CA ALA A 25 19.94 4.16 10.05
C ALA A 25 21.31 4.33 10.70
N TYR A 26 21.38 5.05 11.82
CA TYR A 26 22.64 5.12 12.56
C TYR A 26 22.99 3.77 13.17
N GLY A 27 21.98 3.08 13.73
CA GLY A 27 22.23 1.75 14.24
C GLY A 27 22.61 0.78 13.13
N ILE A 28 21.98 0.92 11.97
CA ILE A 28 22.32 0.07 10.84
C ILE A 28 23.74 0.35 10.38
N ALA A 29 24.11 1.64 10.25
CA ALA A 29 25.44 1.99 9.78
C ALA A 29 26.50 1.44 10.70
N GLN A 30 26.32 1.62 12.01
CA GLN A 30 27.30 1.13 12.95
C GLN A 30 27.49 -0.37 12.81
N ALA A 31 26.38 -1.12 12.75
CA ALA A 31 26.51 -2.56 12.65
C ALA A 31 27.23 -2.97 11.37
N MET A 32 26.91 -2.30 10.25
CA MET A 32 27.50 -2.67 8.98
C MET A 32 28.99 -2.36 8.95
N HIS A 33 29.36 -1.22 9.52
CA HIS A 33 30.77 -0.89 9.68
C HIS A 33 31.46 -1.91 10.57
N ARG A 34 30.80 -2.28 11.67
CA ARG A 34 31.36 -3.31 12.54
C ARG A 34 31.62 -4.61 11.79
N GLU A 35 30.82 -4.93 10.78
CA GLU A 35 31.01 -6.16 10.04
C GLU A 35 31.83 -5.95 8.78
N GLY A 36 32.47 -4.80 8.65
CA GLY A 36 33.50 -4.61 7.63
C GLY A 36 33.03 -4.05 6.31
N ALA A 37 31.78 -3.64 6.18
CA ALA A 37 31.36 -2.96 4.98
C ALA A 37 32.06 -1.61 4.87
N GLU A 38 32.28 -1.19 3.64
CA GLU A 38 32.63 0.19 3.34
C GLU A 38 31.31 0.93 3.10
N LEU A 39 31.20 2.15 3.63
CA LEU A 39 29.93 2.85 3.71
C LEU A 39 29.98 4.20 2.98
N ALA A 40 28.81 4.62 2.49
CA ALA A 40 28.58 5.94 1.93
C ALA A 40 27.27 6.44 2.51
N PHE A 41 27.10 7.76 2.63
CA PHE A 41 25.95 8.32 3.31
C PHE A 41 25.29 9.41 2.49
N THR A 42 23.97 9.50 2.58
CA THR A 42 23.27 10.63 2.01
C THR A 42 22.66 11.49 3.12
N TYR A 43 22.41 12.76 2.79
CA TYR A 43 21.70 13.66 3.69
C TYR A 43 20.61 14.39 2.90
N GLN A 44 19.44 14.57 3.54
CA GLN A 44 18.29 15.17 2.86
C GLN A 44 18.53 16.62 2.45
N ASN A 45 19.04 17.44 3.37
CA ASN A 45 19.04 18.89 3.18
C ASN A 45 20.29 19.52 3.81
N ASP A 46 20.43 20.84 3.63
CA ASP A 46 21.58 21.53 4.21
C ASP A 46 21.54 21.53 5.75
N LYS A 47 20.34 21.46 6.33
CA LYS A 47 20.24 21.40 7.79
C LYS A 47 21.01 20.19 8.36
N LEU A 48 20.97 19.06 7.65
CA LEU A 48 21.56 17.82 8.14
C LEU A 48 22.97 17.53 7.65
N LYS A 49 23.50 18.29 6.69
CA LYS A 49 24.83 18.00 6.15
C LYS A 49 25.88 17.79 7.25
N GLY A 50 26.10 18.82 8.06
CA GLY A 50 27.21 18.79 8.99
C GLY A 50 27.16 17.61 9.93
N ARG A 51 25.96 17.20 10.32
CA ARG A 51 25.87 16.06 11.21
C ARG A 51 26.18 14.74 10.50
N VAL A 52 25.70 14.57 9.26
CA VAL A 52 25.97 13.33 8.54
C VAL A 52 27.47 13.22 8.19
N GLU A 53 28.07 14.34 7.75
CA GLU A 53 29.52 14.38 7.56
C GLU A 53 30.27 13.92 8.79
N GLU A 54 29.87 14.40 9.96
CA GLU A 54 30.56 13.98 11.18
C GLU A 54 30.40 12.48 11.41
N PHE A 55 29.15 12.00 11.34
CA PHE A 55 28.88 10.58 11.57
C PHE A 55 29.63 9.70 10.58
N ALA A 56 29.58 10.06 9.30
CA ALA A 56 30.36 9.34 8.30
C ALA A 56 31.85 9.32 8.64
N ALA A 57 32.38 10.45 9.11
CA ALA A 57 33.79 10.51 9.48
C ALA A 57 34.11 9.55 10.62
N GLN A 58 33.21 9.42 11.60
CA GLN A 58 33.43 8.48 12.69
C GLN A 58 33.43 7.04 12.22
N LEU A 59 32.69 6.74 11.16
CA LEU A 59 32.66 5.41 10.56
C LEU A 59 33.63 5.29 9.39
N GLY A 60 34.55 6.23 9.23
CA GLY A 60 35.62 6.10 8.25
C GLY A 60 35.25 6.37 6.82
N SER A 61 34.11 7.01 6.55
CA SER A 61 33.63 7.29 5.20
C SER A 61 33.89 8.73 4.80
N ASP A 62 34.34 8.91 3.56
CA ASP A 62 34.46 10.23 2.92
C ASP A 62 33.32 10.53 1.97
N ILE A 63 32.36 9.61 1.80
CA ILE A 63 31.35 9.73 0.75
C ILE A 63 30.07 10.20 1.41
N VAL A 64 29.80 11.50 1.34
CA VAL A 64 28.60 12.09 1.95
C VAL A 64 27.94 12.98 0.91
N LEU A 65 26.71 12.65 0.54
CA LEU A 65 26.09 13.17 -0.68
C LEU A 65 24.67 13.60 -0.39
N GLN A 66 24.26 14.71 -1.00
CA GLN A 66 22.90 15.16 -0.79
C GLN A 66 21.95 14.29 -1.63
N CYS A 67 20.79 14.00 -1.07
CA CYS A 67 19.74 13.26 -1.77
C CYS A 67 18.40 13.57 -1.13
N ASP A 68 17.55 14.29 -1.86
CA ASP A 68 16.19 14.55 -1.45
C ASP A 68 15.32 13.74 -2.39
N VAL A 69 14.77 12.64 -1.85
CA VAL A 69 14.07 11.65 -2.65
C VAL A 69 12.73 12.14 -3.19
N ALA A 70 12.35 13.38 -2.85
CA ALA A 70 11.21 14.02 -3.51
C ALA A 70 11.50 14.33 -4.96
N GLU A 71 12.78 14.42 -5.35
CA GLU A 71 13.16 14.95 -6.65
C GLU A 71 13.99 13.95 -7.42
N ASP A 72 13.53 13.63 -8.64
CA ASP A 72 14.26 12.66 -9.46
C ASP A 72 15.68 13.16 -9.77
N ALA A 73 15.84 14.46 -10.04
CA ALA A 73 17.18 14.95 -10.38
C ALA A 73 18.12 14.90 -9.19
N SER A 74 17.59 15.04 -7.97
CA SER A 74 18.43 14.91 -6.78
C SER A 74 18.95 13.49 -6.66
N ILE A 75 18.09 12.49 -6.89
CA ILE A 75 18.53 11.10 -6.82
C ILE A 75 19.54 10.80 -7.91
N ASP A 76 19.26 11.26 -9.13
CA ASP A 76 20.19 11.01 -10.25
C ASP A 76 21.54 11.63 -9.98
N THR A 77 21.56 12.90 -9.54
CA THR A 77 22.84 13.56 -9.31
C THR A 77 23.62 12.87 -8.21
N MET A 78 22.95 12.42 -7.17
CA MET A 78 23.63 11.71 -6.09
C MET A 78 24.31 10.44 -6.61
N PHE A 79 23.64 9.66 -7.45
CA PHE A 79 24.27 8.43 -7.93
C PHE A 79 25.36 8.70 -8.96
N ALA A 80 25.23 9.77 -9.75
CA ALA A 80 26.33 10.20 -10.59
C ALA A 80 27.56 10.58 -9.75
N GLU A 81 27.35 11.30 -8.65
CA GLU A 81 28.45 11.60 -7.73
C GLU A 81 29.02 10.33 -7.13
N LEU A 82 28.15 9.42 -6.69
CA LEU A 82 28.61 8.17 -6.10
C LEU A 82 29.43 7.36 -7.09
N GLY A 83 29.02 7.33 -8.36
CA GLY A 83 29.73 6.57 -9.39
C GLY A 83 31.15 7.03 -9.65
N LYS A 84 31.50 8.25 -9.25
CA LYS A 84 32.86 8.72 -9.41
C LYS A 84 33.82 7.96 -8.48
N VAL A 85 33.32 7.47 -7.35
CA VAL A 85 34.14 6.74 -6.39
C VAL A 85 33.72 5.28 -6.26
N TRP A 86 32.44 4.97 -6.47
CA TRP A 86 31.90 3.61 -6.39
C TRP A 86 31.24 3.35 -7.74
N PRO A 87 32.02 3.01 -8.77
CA PRO A 87 31.41 2.78 -10.09
C PRO A 87 30.36 1.68 -10.05
N LYS A 88 30.59 0.67 -9.22
CA LYS A 88 29.60 -0.35 -8.90
C LYS A 88 29.61 -0.52 -7.39
N PHE A 89 28.50 -1.00 -6.82
CA PHE A 89 28.43 -1.20 -5.38
C PHE A 89 27.38 -2.28 -5.11
N ASP A 90 27.14 -2.56 -3.84
CA ASP A 90 26.43 -3.80 -3.48
C ASP A 90 25.10 -3.57 -2.77
N GLY A 91 24.49 -2.39 -2.92
CA GLY A 91 23.16 -2.15 -2.41
C GLY A 91 23.08 -0.93 -1.52
N PHE A 92 21.88 -0.67 -1.03
CA PHE A 92 21.63 0.49 -0.19
C PHE A 92 20.56 0.19 0.86
N VAL A 93 20.61 0.98 1.93
CA VAL A 93 19.62 0.96 3.00
C VAL A 93 18.73 2.20 2.85
N HIS A 94 17.47 1.95 2.64
CA HIS A 94 16.43 2.98 2.51
C HIS A 94 15.77 3.13 3.88
N SER A 95 16.07 4.23 4.57
CA SER A 95 15.58 4.51 5.92
C SER A 95 14.96 5.91 5.93
N ILE A 96 13.87 6.03 5.17
CA ILE A 96 13.21 7.30 4.89
C ILE A 96 11.70 7.10 5.02
N GLY A 97 11.09 7.79 5.96
CA GLY A 97 9.64 7.74 6.11
C GLY A 97 9.14 9.12 6.47
N PHE A 98 8.05 9.55 5.86
CA PHE A 98 7.58 10.91 6.12
C PHE A 98 6.15 11.05 5.64
N ALA A 99 5.32 11.66 6.50
CA ALA A 99 4.04 12.25 6.17
C ALA A 99 3.96 13.59 6.90
N PRO A 100 3.26 14.58 6.36
CA PRO A 100 3.05 15.83 7.11
C PRO A 100 2.47 15.51 8.48
N GLY A 101 2.98 16.18 9.52
CA GLY A 101 2.65 15.76 10.88
C GLY A 101 1.17 15.84 11.21
N ASP A 102 0.44 16.77 10.57
CA ASP A 102 -1.00 16.82 10.79
C ASP A 102 -1.70 15.53 10.35
N GLN A 103 -1.04 14.71 9.53
CA GLN A 103 -1.65 13.45 9.11
C GLN A 103 -1.74 12.44 10.24
N LEU A 104 -0.94 12.61 11.29
CA LEU A 104 -0.69 11.60 12.31
C LEU A 104 -1.29 11.92 13.68
N ASP A 105 -2.29 12.81 13.74
CA ASP A 105 -3.21 12.95 14.89
C ASP A 105 -4.62 12.63 14.52
N GLY A 106 -5.27 11.88 15.38
CA GLY A 106 -6.69 11.85 15.41
C GLY A 106 -7.27 10.84 14.45
N ASP A 107 -8.58 10.90 14.36
CA ASP A 107 -9.37 10.06 13.48
C ASP A 107 -8.75 10.07 12.08
N TYR A 108 -8.49 8.86 11.56
CA TYR A 108 -7.76 8.74 10.29
C TYR A 108 -8.54 9.36 9.13
N VAL A 109 -9.85 9.08 9.02
N VAL A 109 -9.86 9.08 9.06
CA VAL A 109 -10.53 9.57 7.83
CA VAL A 109 -10.63 9.56 7.92
C VAL A 109 -10.79 11.08 7.93
C VAL A 109 -10.69 11.08 7.95
N ASN A 110 -10.77 11.67 9.13
CA ASN A 110 -10.81 13.14 9.19
C ASN A 110 -9.42 13.75 8.95
N ALA A 111 -8.37 13.05 9.35
CA ALA A 111 -7.02 13.61 9.27
C ALA A 111 -6.47 13.55 7.84
N VAL A 112 -6.79 12.48 7.09
CA VAL A 112 -6.12 12.27 5.81
C VAL A 112 -6.66 13.28 4.80
N THR A 113 -5.77 13.69 3.90
CA THR A 113 -6.11 14.55 2.77
C THR A 113 -5.36 14.02 1.54
N ARG A 114 -5.79 14.51 0.37
CA ARG A 114 -5.20 14.03 -0.88
C ARG A 114 -3.71 14.33 -0.91
N GLU A 115 -3.33 15.54 -0.48
CA GLU A 115 -1.93 15.96 -0.47
C GLU A 115 -1.12 15.23 0.59
N GLY A 116 -1.70 15.04 1.78
CA GLY A 116 -1.01 14.28 2.82
C GLY A 116 -0.76 12.86 2.39
N PHE A 117 -1.77 12.25 1.76
CA PHE A 117 -1.64 10.93 1.15
C PHE A 117 -0.56 10.91 0.08
N LYS A 118 -0.60 11.88 -0.84
CA LYS A 118 0.39 11.95 -1.91
C LYS A 118 1.80 11.94 -1.34
N ILE A 119 2.07 12.87 -0.42
CA ILE A 119 3.42 13.02 0.14
C ILE A 119 3.85 11.77 0.87
N ALA A 120 2.95 11.20 1.69
CA ALA A 120 3.34 10.04 2.47
C ALA A 120 3.74 8.90 1.56
N HIS A 121 2.96 8.69 0.49
CA HIS A 121 3.29 7.57 -0.40
C HIS A 121 4.52 7.85 -1.26
N ASP A 122 4.62 9.08 -1.77
CA ASP A 122 5.77 9.49 -2.56
C ASP A 122 7.07 9.31 -1.78
N ILE A 123 7.14 9.90 -0.58
CA ILE A 123 8.39 9.92 0.18
C ILE A 123 8.66 8.55 0.81
N SER A 124 7.62 7.88 1.34
CA SER A 124 7.88 6.64 2.08
C SER A 124 7.86 5.39 1.24
N SER A 125 7.24 5.40 0.06
CA SER A 125 7.16 4.18 -0.76
C SER A 125 7.81 4.36 -2.12
N TYR A 126 7.38 5.34 -2.91
CA TYR A 126 7.94 5.48 -4.26
C TYR A 126 9.45 5.68 -4.22
N SER A 127 9.96 6.41 -3.24
CA SER A 127 11.37 6.73 -3.25
C SER A 127 12.26 5.50 -3.18
N PHE A 128 11.76 4.38 -2.64
CA PHE A 128 12.54 3.15 -2.61
C PHE A 128 12.81 2.64 -4.03
N VAL A 129 11.75 2.58 -4.86
CA VAL A 129 11.97 2.12 -6.22
C VAL A 129 12.62 3.21 -7.06
N ALA A 130 12.34 4.49 -6.80
CA ALA A 130 13.06 5.55 -7.50
C ALA A 130 14.57 5.40 -7.36
N MET A 131 15.03 5.11 -6.15
CA MET A 131 16.46 4.90 -5.94
C MET A 131 16.96 3.67 -6.70
N ALA A 132 16.25 2.56 -6.60
CA ALA A 132 16.64 1.34 -7.32
C ALA A 132 16.75 1.59 -8.82
N LYS A 133 15.80 2.35 -9.38
CA LYS A 133 15.84 2.70 -10.79
C LYS A 133 17.12 3.43 -11.14
N ALA A 134 17.49 4.42 -10.31
CA ALA A 134 18.60 5.30 -10.67
C ALA A 134 19.96 4.65 -10.51
N CYS A 135 20.06 3.54 -9.75
CA CYS A 135 21.35 2.90 -9.54
C CYS A 135 21.39 1.46 -10.04
N ARG A 136 20.36 1.03 -10.79
CA ARG A 136 20.23 -0.38 -11.17
C ARG A 136 21.46 -0.89 -11.92
N SER A 137 21.99 -0.09 -12.85
CA SER A 137 23.14 -0.57 -13.62
C SER A 137 24.43 -0.59 -12.81
N MET A 138 24.44 0.03 -11.63
CA MET A 138 25.59 0.11 -10.75
C MET A 138 25.65 -1.04 -9.75
N LEU A 139 24.64 -1.90 -9.71
CA LEU A 139 24.54 -2.93 -8.68
C LEU A 139 25.30 -4.19 -9.09
N ASN A 140 26.27 -4.59 -8.28
CA ASN A 140 26.94 -5.87 -8.50
C ASN A 140 25.97 -7.03 -8.32
N PRO A 141 26.19 -8.14 -9.04
CA PRO A 141 25.54 -9.40 -8.64
C PRO A 141 25.76 -9.65 -7.16
N GLY A 142 24.75 -10.21 -6.50
CA GLY A 142 24.78 -10.42 -5.05
C GLY A 142 24.41 -9.21 -4.23
N SER A 143 23.90 -8.17 -4.87
CA SER A 143 23.54 -6.94 -4.17
C SER A 143 22.30 -7.17 -3.30
N ALA A 144 22.12 -6.33 -2.29
CA ALA A 144 20.91 -6.37 -1.47
C ALA A 144 20.42 -4.95 -1.20
N LEU A 145 19.12 -4.76 -1.34
CA LEU A 145 18.42 -3.55 -0.99
C LEU A 145 17.53 -3.81 0.23
N LEU A 146 17.40 -2.81 1.09
CA LEU A 146 16.70 -2.96 2.37
C LEU A 146 15.97 -1.66 2.68
N THR A 147 14.75 -1.79 3.18
CA THR A 147 13.95 -0.67 3.63
C THR A 147 13.38 -0.99 5.00
N LEU A 148 12.82 0.02 5.67
CA LEU A 148 12.21 -0.15 6.98
C LEU A 148 10.69 0.07 6.90
N SER A 149 9.93 -0.92 7.37
CA SER A 149 8.48 -0.79 7.49
C SER A 149 8.07 -0.87 8.96
N TYR A 150 6.74 -0.86 9.17
CA TYR A 150 6.15 -0.89 10.50
C TYR A 150 4.83 -1.64 10.44
N LEU A 151 4.44 -2.22 11.58
CA LEU A 151 3.22 -3.02 11.68
C LEU A 151 1.95 -2.25 11.32
N GLY A 152 2.00 -0.91 11.31
CA GLY A 152 0.89 -0.15 10.78
C GLY A 152 0.56 -0.46 9.32
N ALA A 153 1.50 -1.07 8.59
CA ALA A 153 1.16 -1.55 7.26
C ALA A 153 0.13 -2.66 7.27
N GLU A 154 0.15 -3.52 8.32
CA GLU A 154 -0.66 -4.74 8.37
C GLU A 154 -1.90 -4.64 9.24
N ARG A 155 -1.93 -3.71 10.18
CA ARG A 155 -3.01 -3.58 11.14
C ARG A 155 -3.27 -2.10 11.32
N ALA A 156 -4.52 -1.78 11.66
CA ALA A 156 -4.93 -0.39 11.87
C ALA A 156 -4.48 0.03 13.27
N ILE A 157 -3.53 0.96 13.31
CA ILE A 157 -2.94 1.47 14.54
C ILE A 157 -3.43 2.91 14.73
N PRO A 158 -3.97 3.26 15.89
CA PRO A 158 -4.40 4.65 16.11
C PRO A 158 -3.29 5.64 15.78
N ASN A 159 -3.69 6.70 15.08
CA ASN A 159 -2.86 7.84 14.74
C ASN A 159 -1.83 7.58 13.64
N TYR A 160 -1.42 6.32 13.41
CA TYR A 160 -0.46 6.09 12.35
C TYR A 160 -1.06 6.45 10.99
N ASN A 161 -2.36 6.25 10.81
CA ASN A 161 -3.15 6.94 9.78
C ASN A 161 -2.52 6.69 8.41
N VAL A 162 -2.26 7.72 7.59
CA VAL A 162 -1.87 7.45 6.22
C VAL A 162 -0.50 6.81 6.11
N MET A 163 0.36 6.94 7.12
CA MET A 163 1.63 6.22 7.08
C MET A 163 1.41 4.72 7.02
N GLY A 164 0.27 4.21 7.52
CA GLY A 164 0.00 2.79 7.43
C GLY A 164 -0.23 2.33 5.99
N LEU A 165 -0.98 3.14 5.21
CA LEU A 165 -1.17 2.89 3.79
C LEU A 165 0.15 3.01 3.03
N ALA A 166 0.95 4.02 3.37
CA ALA A 166 2.22 4.20 2.71
C ALA A 166 3.14 3.02 2.97
N LYS A 167 3.13 2.48 4.20
CA LYS A 167 3.97 1.34 4.50
C LYS A 167 3.44 0.09 3.84
N ALA A 168 2.11 -0.03 3.67
CA ALA A 168 1.59 -1.18 2.94
C ALA A 168 2.03 -1.13 1.47
N SER A 169 2.01 0.06 0.89
CA SER A 169 2.58 0.24 -0.45
C SER A 169 4.05 -0.15 -0.47
N LEU A 170 4.80 0.26 0.56
CA LEU A 170 6.24 -0.02 0.57
C LEU A 170 6.49 -1.51 0.63
N GLU A 171 5.69 -2.26 1.41
CA GLU A 171 5.93 -3.70 1.50
C GLU A 171 5.57 -4.39 0.19
N ALA A 172 4.52 -3.92 -0.49
CA ALA A 172 4.27 -4.43 -1.84
C ALA A 172 5.42 -4.07 -2.77
N ASN A 173 5.93 -2.84 -2.65
CA ASN A 173 7.10 -2.44 -3.43
C ASN A 173 8.27 -3.41 -3.21
N VAL A 174 8.48 -3.85 -1.98
CA VAL A 174 9.54 -4.84 -1.71
C VAL A 174 9.34 -6.08 -2.59
N ARG A 175 8.13 -6.63 -2.58
CA ARG A 175 7.86 -7.84 -3.36
C ARG A 175 8.03 -7.59 -4.84
N TYR A 176 7.52 -6.46 -5.36
CA TYR A 176 7.61 -6.23 -6.81
C TYR A 176 9.04 -5.96 -7.26
N MET A 177 9.82 -5.28 -6.42
CA MET A 177 11.23 -5.04 -6.72
C MET A 177 12.04 -6.32 -6.63
N ALA A 178 11.81 -7.13 -5.58
CA ALA A 178 12.49 -8.42 -5.51
C ALA A 178 12.18 -9.28 -6.72
N ASN A 179 10.92 -9.32 -7.14
CA ASN A 179 10.55 -10.14 -8.29
C ASN A 179 11.23 -9.62 -9.56
N ALA A 180 11.35 -8.29 -9.69
CA ALA A 180 11.92 -7.70 -10.91
C ALA A 180 13.43 -7.84 -10.96
N MET A 181 14.12 -7.61 -9.84
CA MET A 181 15.57 -7.52 -9.87
C MET A 181 16.27 -8.78 -9.39
N GLY A 182 15.54 -9.80 -8.95
CA GLY A 182 16.14 -11.08 -8.63
C GLY A 182 16.89 -11.75 -9.75
N PRO A 183 16.36 -11.78 -10.98
CA PRO A 183 17.08 -12.46 -12.06
C PRO A 183 18.47 -11.90 -12.33
N GLU A 184 18.71 -10.64 -12.02
CA GLU A 184 20.00 -10.00 -12.28
C GLU A 184 20.88 -10.01 -11.03
N GLY A 185 20.44 -10.67 -9.96
CA GLY A 185 21.28 -10.90 -8.80
C GLY A 185 21.08 -9.95 -7.63
N VAL A 186 19.94 -9.27 -7.55
CA VAL A 186 19.68 -8.32 -6.47
C VAL A 186 18.54 -8.86 -5.62
N ARG A 187 18.72 -8.84 -4.31
CA ARG A 187 17.66 -9.16 -3.36
C ARG A 187 17.13 -7.87 -2.74
N VAL A 188 15.84 -7.89 -2.39
CA VAL A 188 15.14 -6.74 -1.83
C VAL A 188 14.29 -7.23 -0.66
N ASN A 189 14.52 -6.67 0.52
CA ASN A 189 13.79 -7.09 1.71
C ASN A 189 13.41 -5.86 2.51
N ALA A 190 12.60 -6.08 3.55
CA ALA A 190 12.31 -5.06 4.54
C ALA A 190 12.43 -5.63 5.95
N ILE A 191 12.76 -4.74 6.89
CA ILE A 191 12.57 -4.99 8.31
C ILE A 191 11.35 -4.23 8.79
N SER A 192 10.42 -4.95 9.39
CA SER A 192 9.30 -4.33 10.09
C SER A 192 9.71 -4.21 11.56
N ALA A 193 10.12 -3.01 11.96
CA ALA A 193 10.74 -2.81 13.28
C ALA A 193 9.66 -2.48 14.30
N GLY A 194 9.86 -2.90 15.55
CA GLY A 194 9.01 -2.40 16.62
C GLY A 194 9.24 -0.91 16.86
N PRO A 195 8.35 -0.28 17.64
CA PRO A 195 8.49 1.17 17.91
C PRO A 195 9.80 1.47 18.62
N ILE A 196 10.47 2.53 18.18
CA ILE A 196 11.70 3.05 18.79
C ILE A 196 11.58 4.55 18.90
N ARG A 197 12.03 5.11 20.02
CA ARG A 197 11.81 6.53 20.24
C ARG A 197 12.99 7.26 19.62
N THR A 198 12.83 7.59 18.33
CA THR A 198 13.75 8.30 17.46
C THR A 198 13.12 9.67 17.16
N LEU A 199 13.73 10.42 16.24
CA LEU A 199 13.07 11.62 15.72
C LEU A 199 11.73 11.32 15.09
N ALA A 200 11.48 10.07 14.68
CA ALA A 200 10.18 9.71 14.11
C ALA A 200 9.07 9.62 15.15
N ALA A 201 9.40 9.77 16.45
CA ALA A 201 8.39 9.86 17.49
C ALA A 201 8.00 11.28 17.82
N SER A 202 8.61 12.28 17.16
CA SER A 202 8.41 13.69 17.49
C SER A 202 6.96 14.15 17.28
N GLY A 203 6.35 14.69 18.34
CA GLY A 203 4.98 15.17 18.29
C GLY A 203 3.91 14.09 18.25
N ILE A 204 4.29 12.82 18.32
CA ILE A 204 3.33 11.72 18.26
C ILE A 204 2.71 11.52 19.64
N LYS A 205 1.38 11.62 19.70
CA LYS A 205 0.69 11.53 20.98
C LYS A 205 0.82 10.14 21.57
N ASP A 206 1.05 10.09 22.88
CA ASP A 206 1.08 8.84 23.66
C ASP A 206 2.15 7.87 23.16
N PHE A 207 3.29 8.40 22.71
CA PHE A 207 4.36 7.51 22.30
C PHE A 207 4.95 6.77 23.50
N ARG A 208 5.10 7.46 24.64
CA ARG A 208 5.71 6.81 25.80
C ARG A 208 4.85 5.66 26.31
N LYS A 209 3.52 5.84 26.34
CA LYS A 209 2.67 4.72 26.77
C LYS A 209 2.69 3.60 25.75
N MET A 210 2.75 3.95 24.47
CA MET A 210 2.79 2.91 23.45
C MET A 210 4.03 2.05 23.62
N LEU A 211 5.18 2.67 23.92
CA LEU A 211 6.35 1.86 24.25
C LEU A 211 6.11 1.04 25.51
N ALA A 212 5.47 1.64 26.51
CA ALA A 212 5.25 0.93 27.77
C ALA A 212 4.32 -0.26 27.58
N HIS A 213 3.27 -0.09 26.77
CA HIS A 213 2.38 -1.20 26.49
C HIS A 213 3.12 -2.24 25.68
N CYS A 214 3.97 -1.78 24.78
CA CYS A 214 4.73 -2.68 23.93
C CYS A 214 5.73 -3.47 24.77
N GLU A 215 6.41 -2.78 25.70
CA GLU A 215 7.38 -3.46 26.55
C GLU A 215 6.71 -4.52 27.40
N ALA A 216 5.43 -4.35 27.71
CA ALA A 216 4.73 -5.32 28.55
C ALA A 216 4.27 -6.53 27.75
N VAL A 217 3.81 -6.34 26.51
CA VAL A 217 3.17 -7.42 25.77
C VAL A 217 4.10 -8.15 24.80
N THR A 218 5.21 -7.54 24.40
N THR A 218 5.22 -7.54 24.40
CA THR A 218 6.13 -8.22 23.51
CA THR A 218 6.15 -8.22 23.51
C THR A 218 6.73 -9.45 24.20
C THR A 218 6.70 -9.46 24.21
N PRO A 219 6.86 -10.56 23.48
CA PRO A 219 7.40 -11.78 24.10
C PRO A 219 8.73 -11.59 24.82
N ILE A 220 9.68 -10.88 24.20
CA ILE A 220 11.00 -10.72 24.82
C ILE A 220 10.97 -9.68 25.94
N ARG A 221 9.80 -9.05 26.17
CA ARG A 221 9.57 -8.23 27.36
C ARG A 221 10.48 -6.99 27.38
N ARG A 222 10.80 -6.48 26.20
CA ARG A 222 11.45 -5.18 26.05
C ARG A 222 11.13 -4.70 24.65
N THR A 223 11.20 -3.40 24.45
CA THR A 223 11.15 -2.92 23.07
C THR A 223 12.51 -3.08 22.41
N VAL A 224 12.52 -3.03 21.08
CA VAL A 224 13.74 -3.25 20.31
C VAL A 224 14.55 -1.96 20.23
N THR A 225 15.83 -2.13 19.90
CA THR A 225 16.80 -1.04 19.78
C THR A 225 17.31 -0.91 18.36
N ILE A 226 17.92 0.24 18.06
CA ILE A 226 18.56 0.38 16.76
C ILE A 226 19.73 -0.60 16.65
N GLU A 227 20.24 -1.10 17.79
CA GLU A 227 21.24 -2.17 17.76
C GLU A 227 20.63 -3.47 17.26
N ASP A 228 19.45 -3.82 17.80
CA ASP A 228 18.75 -5.00 17.29
C ASP A 228 18.45 -4.85 15.81
N VAL A 229 17.98 -3.67 15.40
CA VAL A 229 17.61 -3.53 14.00
C VAL A 229 18.86 -3.53 13.13
N GLY A 230 19.91 -2.85 13.58
CA GLY A 230 21.13 -2.81 12.78
C GLY A 230 21.72 -4.18 12.57
N ASN A 231 21.65 -5.05 13.57
CA ASN A 231 22.18 -6.39 13.38
C ASN A 231 21.37 -7.19 12.37
N SER A 232 20.04 -7.11 12.43
CA SER A 232 19.23 -7.76 11.40
C SER A 232 19.44 -7.14 10.02
N ALA A 233 19.60 -5.83 9.97
CA ALA A 233 19.86 -5.17 8.69
C ALA A 233 21.19 -5.62 8.07
N ALA A 234 22.25 -5.68 8.88
CA ALA A 234 23.54 -6.17 8.37
C ALA A 234 23.40 -7.58 7.78
N PHE A 235 22.72 -8.49 8.50
CA PHE A 235 22.48 -9.83 7.97
C PHE A 235 21.74 -9.79 6.63
N LEU A 236 20.68 -8.98 6.55
CA LEU A 236 19.84 -8.95 5.36
C LEU A 236 20.54 -8.34 4.14
N CYS A 237 21.59 -7.55 4.33
CA CYS A 237 22.34 -7.01 3.21
C CYS A 237 23.62 -7.77 2.94
N SER A 238 23.83 -8.88 3.65
CA SER A 238 25.03 -9.69 3.55
C SER A 238 24.75 -10.97 2.78
N ASP A 239 25.83 -11.61 2.32
CA ASP A 239 25.62 -12.86 1.60
C ASP A 239 25.09 -13.97 2.50
N LEU A 240 25.10 -13.80 3.83
CA LEU A 240 24.50 -14.80 4.72
C LEU A 240 23.02 -14.99 4.42
N SER A 241 22.35 -13.96 3.93
CA SER A 241 20.92 -14.02 3.64
C SER A 241 20.61 -14.25 2.16
N ALA A 242 21.51 -14.94 1.45
CA ALA A 242 21.34 -15.17 0.01
C ALA A 242 20.05 -15.90 -0.34
N GLY A 243 19.47 -16.65 0.59
CA GLY A 243 18.21 -17.32 0.37
C GLY A 243 16.94 -16.51 0.67
N ILE A 244 17.06 -15.26 1.12
CA ILE A 244 15.92 -14.46 1.53
C ILE A 244 15.75 -13.28 0.56
N SER A 245 14.59 -13.21 -0.08
CA SER A 245 14.26 -12.05 -0.89
C SER A 245 12.75 -11.86 -0.90
N GLY A 246 12.33 -10.59 -1.02
CA GLY A 246 10.94 -10.21 -0.99
C GLY A 246 10.27 -10.33 0.37
N GLU A 247 11.07 -10.43 1.44
CA GLU A 247 10.55 -10.76 2.75
C GLU A 247 10.44 -9.50 3.61
N VAL A 248 9.40 -9.45 4.44
CA VAL A 248 9.25 -8.47 5.50
C VAL A 248 9.55 -9.21 6.80
N VAL A 249 10.75 -8.97 7.35
CA VAL A 249 11.19 -9.64 8.57
C VAL A 249 10.78 -8.79 9.76
N HIS A 250 10.02 -9.36 10.68
CA HIS A 250 9.57 -8.61 11.85
C HIS A 250 10.69 -8.61 12.88
N VAL A 251 11.17 -7.42 13.23
CA VAL A 251 12.17 -7.26 14.27
C VAL A 251 11.50 -6.39 15.33
N ASP A 252 10.49 -6.95 15.99
CA ASP A 252 9.70 -6.24 17.00
C ASP A 252 9.63 -7.06 18.28
N GLY A 253 10.57 -7.98 18.48
CA GLY A 253 10.55 -8.81 19.67
C GLY A 253 9.39 -9.78 19.78
N GLY A 254 8.71 -10.04 18.67
CA GLY A 254 7.52 -10.88 18.68
C GLY A 254 6.23 -10.17 18.99
N PHE A 255 6.24 -8.83 19.07
CA PHE A 255 5.04 -8.12 19.42
C PHE A 255 3.88 -8.48 18.51
N SER A 256 4.11 -8.56 17.20
CA SER A 256 2.97 -8.69 16.30
C SER A 256 2.32 -10.06 16.41
N ILE A 257 3.01 -11.06 16.98
CA ILE A 257 2.38 -12.38 16.92
C ILE A 257 1.59 -12.67 18.19
N ALA A 258 1.46 -11.67 19.07
CA ALA A 258 0.73 -11.82 20.33
C ALA A 258 -0.64 -11.16 20.26
N ALA A 259 -1.55 -11.65 21.09
CA ALA A 259 -2.83 -10.97 21.27
C ALA A 259 -3.40 -11.31 22.64
N MET A 260 -4.20 -10.38 23.17
CA MET A 260 -5.03 -10.59 24.36
C MET A 260 -4.20 -10.57 25.65
N ASN A 261 -3.11 -9.82 25.69
CA ASN A 261 -2.44 -9.54 26.96
C ASN A 261 -2.99 -8.23 27.54
N GLU A 262 -3.00 -8.15 28.87
CA GLU A 262 -3.73 -7.09 29.58
C GLU A 262 -5.22 -7.17 29.24
N LEU A 263 -5.97 -7.96 30.02
CA LEU A 263 -7.35 -8.36 29.74
C LEU A 263 -7.35 -9.39 28.61
N MET B 5 -38.30 -7.38 -2.45
CA MET B 5 -37.63 -7.63 -1.18
C MET B 5 -36.28 -8.33 -1.39
N GLY B 6 -35.68 -8.78 -0.29
CA GLY B 6 -34.33 -9.33 -0.33
C GLY B 6 -33.61 -8.89 0.93
N PHE B 7 -32.37 -9.35 1.14
CA PHE B 7 -31.66 -9.03 2.37
C PHE B 7 -30.99 -7.67 2.32
N LEU B 8 -31.20 -6.90 1.25
CA LEU B 8 -30.79 -5.50 1.20
C LEU B 8 -32.02 -4.60 1.12
N SER B 9 -33.08 -4.98 1.84
CA SER B 9 -34.41 -4.46 1.55
C SER B 9 -34.49 -2.95 1.77
N GLY B 10 -34.27 -2.51 2.99
CA GLY B 10 -34.43 -1.09 3.23
C GLY B 10 -33.15 -0.29 3.02
N LYS B 11 -32.32 -0.69 2.07
CA LYS B 11 -30.99 -0.12 1.94
C LYS B 11 -30.88 0.72 0.66
N ARG B 12 -30.19 1.86 0.77
CA ARG B 12 -29.86 2.72 -0.35
C ARG B 12 -28.35 2.71 -0.50
N ILE B 13 -27.86 2.20 -1.64
CA ILE B 13 -26.43 2.00 -1.88
C ILE B 13 -26.02 2.72 -3.17
N LEU B 14 -24.97 3.52 -3.07
CA LEU B 14 -24.37 4.20 -4.23
C LEU B 14 -23.34 3.28 -4.89
N VAL B 15 -23.41 3.16 -6.21
CA VAL B 15 -22.52 2.26 -6.95
C VAL B 15 -21.67 3.09 -7.92
N THR B 16 -20.37 3.02 -7.75
CA THR B 16 -19.44 3.65 -8.67
C THR B 16 -18.94 2.62 -9.68
N GLY B 17 -18.32 3.12 -10.75
CA GLY B 17 -17.50 2.26 -11.57
C GLY B 17 -18.24 1.44 -12.60
N VAL B 18 -19.53 1.69 -12.83
CA VAL B 18 -20.22 0.98 -13.92
C VAL B 18 -19.78 1.63 -15.21
N ALA B 19 -18.99 0.91 -16.01
CA ALA B 19 -18.55 1.42 -17.30
C ALA B 19 -19.16 0.67 -18.49
N SER B 20 -19.61 -0.57 -18.29
CA SER B 20 -20.10 -1.45 -19.34
C SER B 20 -20.81 -2.63 -18.68
N LYS B 21 -21.53 -3.41 -19.50
CA LYS B 21 -22.22 -4.56 -18.92
C LYS B 21 -21.24 -5.60 -18.39
N LEU B 22 -19.95 -5.48 -18.71
CA LEU B 22 -18.93 -6.39 -18.21
C LEU B 22 -18.34 -5.97 -16.87
N SER B 23 -18.55 -4.71 -16.47
CA SER B 23 -17.94 -4.17 -15.25
C SER B 23 -18.28 -5.01 -14.04
N ILE B 24 -17.33 -5.11 -13.11
CA ILE B 24 -17.63 -5.78 -11.84
C ILE B 24 -18.77 -5.03 -11.15
N ALA B 25 -18.75 -3.70 -11.22
CA ALA B 25 -19.79 -2.90 -10.60
C ALA B 25 -21.17 -3.19 -11.18
N TYR B 26 -21.25 -3.55 -12.47
CA TYR B 26 -22.55 -3.88 -13.03
C TYR B 26 -23.09 -5.14 -12.36
N GLY B 27 -22.26 -6.19 -12.26
CA GLY B 27 -22.64 -7.39 -11.55
C GLY B 27 -23.03 -7.13 -10.12
N ILE B 28 -22.29 -6.24 -9.43
CA ILE B 28 -22.65 -5.91 -8.04
C ILE B 28 -24.01 -5.23 -7.99
N ALA B 29 -24.23 -4.21 -8.84
CA ALA B 29 -25.51 -3.53 -8.84
C ALA B 29 -26.66 -4.48 -9.17
N GLN B 30 -26.48 -5.35 -10.18
CA GLN B 30 -27.47 -6.37 -10.50
C GLN B 30 -27.87 -7.18 -9.27
N ALA B 31 -26.87 -7.78 -8.61
CA ALA B 31 -27.16 -8.59 -7.42
C ALA B 31 -27.82 -7.75 -6.34
N MET B 32 -27.36 -6.51 -6.16
CA MET B 32 -27.94 -5.67 -5.13
C MET B 32 -29.40 -5.33 -5.45
N HIS B 33 -29.71 -5.04 -6.71
CA HIS B 33 -31.08 -4.73 -7.09
C HIS B 33 -31.97 -5.94 -6.89
N ARG B 34 -31.47 -7.11 -7.29
CA ARG B 34 -32.21 -8.35 -7.09
C ARG B 34 -32.57 -8.55 -5.63
N GLU B 35 -31.69 -8.15 -4.71
CA GLU B 35 -31.94 -8.29 -3.29
C GLU B 35 -32.66 -7.11 -2.66
N GLY B 36 -33.28 -6.24 -3.48
CA GLY B 36 -34.16 -5.20 -2.96
C GLY B 36 -33.51 -3.87 -2.65
N ALA B 37 -32.22 -3.70 -2.94
CA ALA B 37 -31.59 -2.43 -2.69
C ALA B 37 -32.09 -1.38 -3.67
N GLU B 38 -32.32 -0.16 -3.15
CA GLU B 38 -32.46 1.04 -3.97
C GLU B 38 -31.08 1.54 -4.36
N LEU B 39 -30.87 1.84 -5.63
CA LEU B 39 -29.53 2.09 -6.16
C LEU B 39 -29.39 3.52 -6.68
N ALA B 40 -28.16 4.05 -6.59
CA ALA B 40 -27.71 5.26 -7.26
C ALA B 40 -26.36 4.97 -7.89
N PHE B 41 -26.06 5.69 -8.98
CA PHE B 41 -24.90 5.39 -9.80
C PHE B 41 -24.11 6.66 -10.08
N THR B 42 -22.77 6.53 -10.14
CA THR B 42 -21.94 7.60 -10.68
C THR B 42 -21.27 7.19 -11.99
N TYR B 43 -20.80 8.20 -12.71
CA TYR B 43 -20.09 7.98 -13.97
C TYR B 43 -18.90 8.94 -14.02
N GLN B 44 -17.78 8.46 -14.57
CA GLN B 44 -16.55 9.24 -14.60
C GLN B 44 -16.63 10.46 -15.50
N ASN B 45 -16.97 10.29 -16.79
CA ASN B 45 -16.94 11.32 -17.83
C ASN B 45 -18.32 11.43 -18.46
N ASP B 46 -18.48 12.42 -19.34
CA ASP B 46 -19.70 12.50 -20.14
C ASP B 46 -19.80 11.39 -21.18
N LYS B 47 -18.66 10.85 -21.64
CA LYS B 47 -18.72 9.72 -22.57
C LYS B 47 -19.54 8.58 -22.00
N LEU B 48 -19.54 8.43 -20.68
CA LEU B 48 -20.20 7.33 -20.00
C LEU B 48 -21.60 7.68 -19.51
N LYS B 49 -22.02 8.95 -19.64
CA LYS B 49 -23.25 9.39 -18.98
C LYS B 49 -24.47 8.69 -19.56
N GLY B 50 -24.56 8.60 -20.88
CA GLY B 50 -25.70 7.93 -21.48
C GLY B 50 -25.80 6.49 -21.04
N ARG B 51 -24.67 5.77 -21.07
CA ARG B 51 -24.68 4.35 -20.78
C ARG B 51 -25.11 4.06 -19.36
N VAL B 52 -24.64 4.85 -18.39
CA VAL B 52 -24.95 4.56 -16.99
C VAL B 52 -26.38 4.93 -16.66
N GLU B 53 -26.90 6.01 -17.24
CA GLU B 53 -28.30 6.36 -17.00
C GLU B 53 -29.21 5.21 -17.43
N GLU B 54 -28.82 4.53 -18.51
CA GLU B 54 -29.52 3.37 -19.03
C GLU B 54 -29.47 2.19 -18.06
N PHE B 55 -28.27 1.83 -17.61
CA PHE B 55 -28.12 0.74 -16.66
C PHE B 55 -28.88 1.04 -15.37
N ALA B 56 -28.76 2.28 -14.88
CA ALA B 56 -29.48 2.67 -13.68
C ALA B 56 -30.99 2.51 -13.85
N ALA B 57 -31.51 2.87 -15.02
CA ALA B 57 -32.94 2.82 -15.23
C ALA B 57 -33.43 1.37 -15.32
N GLN B 58 -32.62 0.49 -15.92
CA GLN B 58 -32.90 -0.93 -15.90
C GLN B 58 -33.00 -1.46 -14.48
N LEU B 59 -32.25 -0.86 -13.55
CA LEU B 59 -32.22 -1.29 -12.15
C LEU B 59 -33.03 -0.37 -11.26
N GLY B 60 -34.03 0.28 -11.84
CA GLY B 60 -34.98 1.08 -11.09
C GLY B 60 -34.43 2.34 -10.48
N SER B 61 -33.44 2.96 -11.13
CA SER B 61 -32.72 4.09 -10.55
C SER B 61 -32.78 5.31 -11.45
N ASP B 62 -33.16 6.43 -10.88
CA ASP B 62 -33.18 7.73 -11.53
C ASP B 62 -31.96 8.57 -11.15
N ILE B 63 -31.12 8.07 -10.25
CA ILE B 63 -30.06 8.85 -9.64
C ILE B 63 -28.75 8.47 -10.32
N VAL B 64 -28.32 9.29 -11.27
CA VAL B 64 -27.10 9.07 -12.04
C VAL B 64 -26.31 10.35 -12.02
N LEU B 65 -25.13 10.32 -11.39
CA LEU B 65 -24.40 11.53 -11.07
C LEU B 65 -22.96 11.44 -11.54
N GLN B 66 -22.42 12.57 -11.99
CA GLN B 66 -21.04 12.59 -12.43
C GLN B 66 -20.08 12.61 -11.24
N CYS B 67 -19.02 11.81 -11.31
CA CYS B 67 -18.04 11.85 -10.23
C CYS B 67 -16.68 11.40 -10.76
N ASP B 68 -15.74 12.36 -10.84
CA ASP B 68 -14.35 12.08 -11.15
C ASP B 68 -13.57 12.15 -9.85
N VAL B 69 -13.12 10.99 -9.35
CA VAL B 69 -12.53 10.96 -8.02
C VAL B 69 -11.12 11.54 -8.02
N ALA B 70 -10.62 11.98 -9.18
CA ALA B 70 -9.39 12.77 -9.19
C ALA B 70 -9.58 14.12 -8.53
N GLU B 71 -10.82 14.57 -8.37
CA GLU B 71 -11.10 15.97 -8.01
C GLU B 71 -11.95 16.01 -6.76
N ASP B 72 -11.45 16.67 -5.70
CA ASP B 72 -12.24 16.80 -4.48
C ASP B 72 -13.56 17.52 -4.74
N ALA B 73 -13.52 18.53 -5.60
CA ALA B 73 -14.73 19.28 -5.92
C ALA B 73 -15.79 18.40 -6.56
N SER B 74 -15.35 17.48 -7.44
CA SER B 74 -16.31 16.62 -8.12
C SER B 74 -17.00 15.68 -7.13
N ILE B 75 -16.23 15.14 -6.19
CA ILE B 75 -16.80 14.27 -5.16
C ILE B 75 -17.79 15.04 -4.29
N ASP B 76 -17.41 16.24 -3.84
CA ASP B 76 -18.30 17.05 -3.01
C ASP B 76 -19.59 17.41 -3.74
N THR B 77 -19.48 17.85 -4.99
CA THR B 77 -20.67 18.23 -5.75
C THR B 77 -21.58 17.03 -5.95
N MET B 78 -21.00 15.86 -6.15
CA MET B 78 -21.83 14.70 -6.40
C MET B 78 -22.59 14.30 -5.14
N PHE B 79 -21.95 14.34 -3.97
CA PHE B 79 -22.67 14.01 -2.75
C PHE B 79 -23.67 15.09 -2.37
N ALA B 80 -23.39 16.35 -2.72
CA ALA B 80 -24.38 17.40 -2.53
C ALA B 80 -25.62 17.14 -3.38
N GLU B 81 -25.41 16.76 -4.65
CA GLU B 81 -26.51 16.35 -5.51
C GLU B 81 -27.24 15.12 -4.95
N LEU B 82 -26.48 14.12 -4.52
CA LEU B 82 -27.11 12.92 -3.98
C LEU B 82 -27.97 13.24 -2.78
N GLY B 83 -27.50 14.14 -1.91
CA GLY B 83 -28.24 14.49 -0.72
C GLY B 83 -29.61 15.07 -0.99
N LYS B 84 -29.82 15.67 -2.18
CA LYS B 84 -31.14 16.21 -2.52
C LYS B 84 -32.20 15.12 -2.63
N VAL B 85 -31.81 13.89 -2.95
CA VAL B 85 -32.76 12.80 -3.04
C VAL B 85 -32.50 11.74 -1.97
N TRP B 86 -31.25 11.54 -1.55
CA TRP B 86 -30.88 10.63 -0.48
C TRP B 86 -30.20 11.44 0.62
N PRO B 87 -30.98 12.11 1.50
CA PRO B 87 -30.34 12.87 2.58
C PRO B 87 -29.43 12.00 3.42
N LYS B 88 -29.80 10.74 3.61
CA LYS B 88 -28.97 9.73 4.23
C LYS B 88 -29.07 8.47 3.38
N PHE B 89 -28.05 7.63 3.47
CA PHE B 89 -28.05 6.36 2.75
C PHE B 89 -27.15 5.41 3.51
N ASP B 90 -26.88 4.24 2.93
CA ASP B 90 -26.39 3.12 3.73
C ASP B 90 -25.06 2.55 3.26
N GLY B 91 -24.30 3.29 2.46
CA GLY B 91 -22.96 2.92 2.04
C GLY B 91 -22.79 2.99 0.54
N PHE B 92 -21.57 2.67 0.10
CA PHE B 92 -21.29 2.74 -1.32
C PHE B 92 -20.30 1.67 -1.72
N VAL B 93 -20.31 1.39 -3.03
CA VAL B 93 -19.42 0.43 -3.66
C VAL B 93 -18.41 1.22 -4.46
N HIS B 94 -17.13 1.02 -4.12
CA HIS B 94 -15.98 1.65 -4.75
C HIS B 94 -15.38 0.65 -5.73
N SER B 95 -15.65 0.85 -7.01
CA SER B 95 -15.18 -0.06 -8.06
C SER B 95 -14.43 0.76 -9.12
N ILE B 96 -13.35 1.42 -8.65
CA ILE B 96 -12.52 2.33 -9.43
C ILE B 96 -11.08 1.95 -9.20
N GLY B 97 -10.37 1.64 -10.29
CA GLY B 97 -8.97 1.25 -10.31
C GLY B 97 -8.36 1.80 -11.59
N PHE B 98 -7.20 2.45 -11.51
CA PHE B 98 -6.62 3.04 -12.70
C PHE B 98 -5.13 3.30 -12.50
N ALA B 99 -4.34 2.93 -13.49
CA ALA B 99 -2.98 3.44 -13.63
C ALA B 99 -2.75 3.68 -15.12
N PRO B 100 -1.96 4.69 -15.48
CA PRO B 100 -1.66 4.90 -16.90
C PRO B 100 -1.18 3.59 -17.52
N GLY B 101 -1.68 3.28 -18.70
CA GLY B 101 -1.50 1.96 -19.27
C GLY B 101 -0.05 1.52 -19.36
N ASP B 102 0.85 2.46 -19.66
CA ASP B 102 2.26 2.12 -19.82
C ASP B 102 2.89 1.62 -18.53
N GLN B 103 2.22 1.82 -17.40
CA GLN B 103 2.71 1.27 -16.15
C GLN B 103 2.55 -0.24 -16.07
N LEU B 104 1.67 -0.82 -16.88
CA LEU B 104 1.22 -2.18 -16.69
C LEU B 104 1.76 -3.14 -17.75
N ASP B 105 2.95 -2.86 -18.28
CA ASP B 105 3.44 -3.56 -19.47
C ASP B 105 4.67 -4.42 -19.24
N GLY B 106 5.73 -3.92 -18.62
CA GLY B 106 6.97 -4.67 -18.64
C GLY B 106 7.55 -4.85 -17.24
N ASP B 107 8.88 -5.00 -17.20
CA ASP B 107 9.60 -5.04 -15.94
C ASP B 107 9.15 -3.91 -15.05
N TYR B 108 8.78 -4.23 -13.79
CA TYR B 108 8.19 -3.22 -12.91
C TYR B 108 9.13 -2.04 -12.67
N VAL B 109 10.40 -2.33 -12.36
CA VAL B 109 11.31 -1.25 -11.99
C VAL B 109 11.58 -0.35 -13.17
N ASN B 110 11.57 -0.88 -14.37
CA ASN B 110 11.73 -0.01 -15.53
C ASN B 110 10.46 0.76 -15.87
N ALA B 111 9.29 0.16 -15.66
CA ALA B 111 8.04 0.78 -16.06
C ALA B 111 7.63 1.92 -15.11
N VAL B 112 7.79 1.70 -13.81
CA VAL B 112 7.18 2.61 -12.83
C VAL B 112 7.82 3.98 -12.94
N THR B 113 7.00 5.03 -12.75
CA THR B 113 7.50 6.40 -12.71
C THR B 113 6.82 7.09 -11.55
N ARG B 114 7.39 8.23 -11.13
CA ARG B 114 6.80 8.96 -10.01
C ARG B 114 5.35 9.36 -10.31
N GLU B 115 5.10 9.82 -11.54
CA GLU B 115 3.75 10.23 -11.91
C GLU B 115 2.81 9.05 -12.05
N GLY B 116 3.26 7.93 -12.63
CA GLY B 116 2.42 6.75 -12.73
C GLY B 116 2.11 6.19 -11.36
N PHE B 117 3.10 6.18 -10.47
CA PHE B 117 2.89 5.82 -9.08
C PHE B 117 1.88 6.77 -8.42
N LYS B 118 2.02 8.09 -8.65
CA LYS B 118 1.10 9.03 -8.00
C LYS B 118 -0.34 8.79 -8.45
N ILE B 119 -0.54 8.65 -9.76
CA ILE B 119 -1.88 8.47 -10.29
C ILE B 119 -2.48 7.16 -9.81
N ALA B 120 -1.71 6.07 -9.87
CA ALA B 120 -2.24 4.77 -9.48
C ALA B 120 -2.73 4.79 -8.05
N HIS B 121 -1.93 5.34 -7.13
CA HIS B 121 -2.35 5.39 -5.73
C HIS B 121 -3.48 6.39 -5.50
N ASP B 122 -3.42 7.57 -6.14
CA ASP B 122 -4.47 8.57 -5.98
C ASP B 122 -5.82 8.00 -6.38
N ILE B 123 -5.91 7.46 -7.59
CA ILE B 123 -7.19 7.05 -8.15
C ILE B 123 -7.64 5.71 -7.57
N SER B 124 -6.71 4.78 -7.32
CA SER B 124 -7.12 3.44 -6.89
C SER B 124 -7.17 3.26 -5.37
N SER B 125 -6.48 4.11 -4.60
CA SER B 125 -6.51 3.97 -3.15
C SER B 125 -7.10 5.18 -2.46
N TYR B 126 -6.52 6.37 -2.68
CA TYR B 126 -6.99 7.54 -1.94
C TYR B 126 -8.47 7.81 -2.21
N SER B 127 -8.92 7.57 -3.43
CA SER B 127 -10.29 7.93 -3.77
C SER B 127 -11.31 7.24 -2.85
N PHE B 128 -10.98 6.04 -2.35
CA PHE B 128 -11.93 5.34 -1.49
C PHE B 128 -12.20 6.13 -0.22
N VAL B 129 -11.13 6.58 0.45
CA VAL B 129 -11.34 7.34 1.68
C VAL B 129 -11.78 8.77 1.36
N ALA B 130 -11.39 9.32 0.20
CA ALA B 130 -11.93 10.64 -0.19
C ALA B 130 -13.43 10.60 -0.26
N MET B 131 -13.97 9.50 -0.77
CA MET B 131 -15.40 9.32 -0.91
C MET B 131 -16.04 9.19 0.47
N ALA B 132 -15.39 8.45 1.39
CA ALA B 132 -15.92 8.32 2.74
C ALA B 132 -15.89 9.65 3.49
N LYS B 133 -14.80 10.42 3.35
CA LYS B 133 -14.73 11.76 3.92
C LYS B 133 -15.94 12.59 3.52
N ALA B 134 -16.27 12.57 2.23
CA ALA B 134 -17.25 13.49 1.68
C ALA B 134 -18.68 13.14 2.10
N CYS B 135 -18.96 11.86 2.41
CA CYS B 135 -20.31 11.44 2.72
C CYS B 135 -20.46 10.92 4.14
N ARG B 136 -19.42 11.05 4.97
CA ARG B 136 -19.44 10.47 6.31
C ARG B 136 -20.70 10.86 7.08
N SER B 137 -21.13 12.13 6.94
CA SER B 137 -22.32 12.64 7.64
C SER B 137 -23.59 12.01 7.12
N MET B 138 -23.59 11.53 5.88
CA MET B 138 -24.79 11.03 5.23
C MET B 138 -25.07 9.56 5.54
N LEU B 139 -24.14 8.88 6.19
CA LEU B 139 -24.24 7.44 6.36
C LEU B 139 -25.13 7.11 7.56
N ASN B 140 -26.00 6.12 7.37
CA ASN B 140 -26.81 5.63 8.48
C ASN B 140 -25.99 4.70 9.38
N PRO B 141 -26.38 4.56 10.65
CA PRO B 141 -25.83 3.43 11.42
C PRO B 141 -26.21 2.15 10.72
N GLY B 142 -25.27 1.19 10.65
CA GLY B 142 -25.47 -0.03 9.91
C GLY B 142 -25.00 0.04 8.48
N SER B 143 -24.39 1.15 8.08
CA SER B 143 -23.89 1.34 6.74
C SER B 143 -22.67 0.44 6.49
N ALA B 144 -22.38 0.21 5.21
CA ALA B 144 -21.27 -0.66 4.82
C ALA B 144 -20.60 -0.10 3.57
N LEU B 145 -19.27 -0.06 3.58
CA LEU B 145 -18.50 0.42 2.44
C LEU B 145 -17.73 -0.74 1.85
N LEU B 146 -17.61 -0.77 0.53
CA LEU B 146 -16.94 -1.90 -0.12
C LEU B 146 -16.04 -1.43 -1.27
N THR B 147 -14.87 -2.06 -1.40
CA THR B 147 -14.00 -1.79 -2.53
C THR B 147 -13.51 -3.12 -3.12
N LEU B 148 -12.91 -3.02 -4.29
CA LEU B 148 -12.39 -4.16 -5.05
C LEU B 148 -10.88 -4.12 -5.10
N SER B 149 -10.26 -5.16 -4.59
CA SER B 149 -8.83 -5.36 -4.64
C SER B 149 -8.50 -6.58 -5.48
N TYR B 150 -7.20 -6.88 -5.55
CA TYR B 150 -6.72 -7.99 -6.38
C TYR B 150 -5.46 -8.54 -5.72
N LEU B 151 -5.19 -9.81 -6.04
CA LEU B 151 -4.08 -10.54 -5.44
C LEU B 151 -2.75 -9.82 -5.65
N GLY B 152 -2.65 -8.96 -6.65
CA GLY B 152 -1.46 -8.15 -6.87
C GLY B 152 -1.04 -7.35 -5.65
N ALA B 153 -1.97 -7.11 -4.73
CA ALA B 153 -1.63 -6.45 -3.47
C ALA B 153 -0.70 -7.29 -2.61
N GLU B 154 -0.90 -8.61 -2.62
CA GLU B 154 -0.23 -9.52 -1.70
C GLU B 154 0.95 -10.21 -2.32
N ARG B 155 0.96 -10.34 -3.64
CA ARG B 155 2.00 -11.07 -4.34
C ARG B 155 2.49 -10.26 -5.53
N ALA B 156 3.74 -10.50 -5.91
CA ALA B 156 4.31 -9.82 -7.07
C ALA B 156 3.86 -10.57 -8.33
N ILE B 157 3.06 -9.91 -9.16
CA ILE B 157 2.44 -10.49 -10.34
C ILE B 157 3.02 -9.78 -11.55
N PRO B 158 3.44 -10.51 -12.59
CA PRO B 158 4.07 -9.85 -13.75
C PRO B 158 3.11 -8.84 -14.37
N ASN B 159 3.65 -7.66 -14.68
CA ASN B 159 2.95 -6.59 -15.38
C ASN B 159 1.92 -5.83 -14.53
N TYR B 160 1.41 -6.41 -13.45
CA TYR B 160 0.49 -5.64 -12.60
C TYR B 160 1.19 -4.43 -11.99
N ASN B 161 2.48 -4.58 -11.68
CA ASN B 161 3.44 -3.49 -11.43
C ASN B 161 2.85 -2.53 -10.40
N VAL B 162 2.81 -1.22 -10.68
CA VAL B 162 2.49 -0.27 -9.61
C VAL B 162 1.05 -0.41 -9.14
N MET B 163 0.16 -1.03 -9.93
CA MET B 163 -1.18 -1.29 -9.39
C MET B 163 -1.10 -2.21 -8.17
N GLY B 164 -0.12 -3.11 -8.14
CA GLY B 164 0.08 -3.95 -6.98
C GLY B 164 0.27 -3.14 -5.71
N LEU B 165 1.14 -2.12 -5.78
CA LEU B 165 1.35 -1.23 -4.63
C LEU B 165 0.09 -0.45 -4.28
N ALA B 166 -0.61 0.04 -5.30
CA ALA B 166 -1.82 0.82 -5.08
C ALA B 166 -2.89 -0.04 -4.41
N LYS B 167 -3.01 -1.30 -4.81
CA LYS B 167 -3.96 -2.20 -4.14
C LYS B 167 -3.52 -2.53 -2.71
N ALA B 168 -2.21 -2.62 -2.46
CA ALA B 168 -1.79 -2.86 -1.07
C ALA B 168 -2.15 -1.66 -0.21
N SER B 169 -2.00 -0.47 -0.75
CA SER B 169 -2.43 0.76 -0.09
C SER B 169 -3.93 0.73 0.15
N LEU B 170 -4.69 0.29 -0.84
CA LEU B 170 -6.14 0.23 -0.71
C LEU B 170 -6.55 -0.74 0.40
N GLU B 171 -5.89 -1.89 0.50
CA GLU B 171 -6.26 -2.86 1.52
C GLU B 171 -5.95 -2.33 2.93
N ALA B 172 -4.87 -1.55 3.07
CA ALA B 172 -4.61 -0.90 4.34
C ALA B 172 -5.66 0.17 4.60
N ASN B 173 -6.03 0.92 3.56
CA ASN B 173 -7.12 1.89 3.65
C ASN B 173 -8.36 1.23 4.23
N VAL B 174 -8.70 0.02 3.75
CA VAL B 174 -9.88 -0.68 4.28
C VAL B 174 -9.78 -0.82 5.79
N ARG B 175 -8.61 -1.25 6.27
CA ARG B 175 -8.42 -1.49 7.70
C ARG B 175 -8.51 -0.20 8.50
N TYR B 176 -7.77 0.85 8.06
CA TYR B 176 -7.81 2.12 8.82
C TYR B 176 -9.20 2.76 8.75
N MET B 177 -9.89 2.61 7.62
CA MET B 177 -11.22 3.19 7.50
C MET B 177 -12.19 2.44 8.42
N ALA B 178 -12.10 1.09 8.44
CA ALA B 178 -12.94 0.29 9.32
C ALA B 178 -12.69 0.66 10.79
N ASN B 179 -11.44 0.91 11.14
CA ASN B 179 -11.11 1.21 12.53
C ASN B 179 -11.62 2.58 12.93
N ALA B 180 -11.58 3.55 12.01
CA ALA B 180 -12.01 4.89 12.35
C ALA B 180 -13.53 5.02 12.35
N MET B 181 -14.21 4.31 11.44
CA MET B 181 -15.65 4.53 11.24
C MET B 181 -16.53 3.48 11.92
N GLY B 182 -15.95 2.39 12.40
CA GLY B 182 -16.71 1.38 13.09
C GLY B 182 -17.51 1.88 14.28
N PRO B 183 -16.87 2.63 15.18
CA PRO B 183 -17.58 3.03 16.41
C PRO B 183 -18.86 3.78 16.13
N GLU B 184 -18.94 4.53 15.03
CA GLU B 184 -20.14 5.24 14.67
C GLU B 184 -21.07 4.42 13.80
N GLY B 185 -20.76 3.14 13.58
CA GLY B 185 -21.70 2.24 12.97
C GLY B 185 -21.50 1.94 11.51
N VAL B 186 -20.29 2.09 10.96
CA VAL B 186 -20.01 1.82 9.55
C VAL B 186 -19.00 0.69 9.48
N ARG B 187 -19.27 -0.29 8.62
CA ARG B 187 -18.30 -1.33 8.29
C ARG B 187 -17.64 -1.02 6.95
N VAL B 188 -16.39 -1.48 6.79
CA VAL B 188 -15.62 -1.26 5.57
C VAL B 188 -14.87 -2.54 5.22
N ASN B 189 -15.08 -3.05 4.00
CA ASN B 189 -14.47 -4.31 3.60
C ASN B 189 -14.00 -4.20 2.14
N ALA B 190 -13.27 -5.21 1.71
CA ALA B 190 -12.93 -5.37 0.30
C ALA B 190 -13.18 -6.80 -0.16
N ILE B 191 -13.47 -6.92 -1.46
CA ILE B 191 -13.35 -8.22 -2.14
C ILE B 191 -12.07 -8.22 -2.97
N SER B 192 -11.26 -9.26 -2.78
CA SER B 192 -10.10 -9.51 -3.63
C SER B 192 -10.59 -10.49 -4.68
N ALA B 193 -10.93 -9.96 -5.86
CA ALA B 193 -11.56 -10.76 -6.92
C ALA B 193 -10.50 -11.46 -7.77
N GLY B 194 -10.82 -12.66 -8.24
CA GLY B 194 -10.03 -13.25 -9.30
C GLY B 194 -10.15 -12.46 -10.61
N PRO B 195 -9.25 -12.71 -11.55
CA PRO B 195 -9.29 -11.98 -12.83
C PRO B 195 -10.59 -12.22 -13.59
N ILE B 196 -11.11 -11.13 -14.17
CA ILE B 196 -12.33 -11.13 -14.97
C ILE B 196 -12.09 -10.29 -16.23
N ARG B 197 -12.52 -10.79 -17.39
CA ARG B 197 -12.30 -10.00 -18.59
C ARG B 197 -13.34 -8.89 -18.64
N THR B 198 -12.94 -7.70 -18.21
CA THR B 198 -13.71 -6.47 -18.24
C THR B 198 -12.92 -5.49 -19.09
N LEU B 199 -13.36 -4.23 -19.12
CA LEU B 199 -12.55 -3.20 -19.72
C LEU B 199 -11.21 -3.03 -19.00
N ALA B 200 -11.11 -3.47 -17.74
CA ALA B 200 -9.80 -3.43 -17.09
C ALA B 200 -8.80 -4.38 -17.72
N ALA B 201 -9.23 -5.27 -18.64
CA ALA B 201 -8.29 -6.11 -19.36
C ALA B 201 -7.77 -5.47 -20.63
N SER B 202 -8.29 -4.30 -21.00
CA SER B 202 -7.91 -3.68 -22.26
C SER B 202 -6.42 -3.46 -22.34
N GLY B 203 -5.77 -4.04 -23.37
CA GLY B 203 -4.36 -3.82 -23.61
C GLY B 203 -3.41 -4.60 -22.72
N ILE B 204 -3.94 -5.37 -21.76
CA ILE B 204 -3.11 -6.18 -20.88
C ILE B 204 -2.63 -7.42 -21.63
N LYS B 205 -1.31 -7.57 -21.73
CA LYS B 205 -0.73 -8.68 -22.47
C LYS B 205 -0.99 -9.99 -21.77
N ASP B 206 -1.23 -11.03 -22.57
CA ASP B 206 -1.41 -12.41 -22.09
C ASP B 206 -2.54 -12.52 -21.07
N PHE B 207 -3.62 -11.75 -21.27
CA PHE B 207 -4.75 -11.87 -20.35
C PHE B 207 -5.49 -13.19 -20.56
N ARG B 208 -5.61 -13.65 -21.82
CA ARG B 208 -6.27 -14.93 -22.05
C ARG B 208 -5.49 -16.07 -21.42
N LYS B 209 -4.16 -16.02 -21.50
CA LYS B 209 -3.34 -17.07 -20.91
C LYS B 209 -3.46 -17.05 -19.40
N MET B 210 -3.48 -15.85 -18.82
CA MET B 210 -3.67 -15.70 -17.40
C MET B 210 -5.00 -16.30 -16.95
N LEU B 211 -6.07 -16.04 -17.70
CA LEU B 211 -7.39 -16.59 -17.39
C LEU B 211 -7.39 -18.12 -17.47
N ALA B 212 -6.85 -18.66 -18.56
CA ALA B 212 -6.72 -20.10 -18.70
C ALA B 212 -5.98 -20.73 -17.53
N HIS B 213 -4.86 -20.12 -17.14
CA HIS B 213 -4.04 -20.69 -16.08
C HIS B 213 -4.79 -20.64 -14.76
N CYS B 214 -5.57 -19.59 -14.54
CA CYS B 214 -6.38 -19.52 -13.33
C CYS B 214 -7.44 -20.63 -13.35
N GLU B 215 -8.06 -20.86 -14.50
CA GLU B 215 -9.12 -21.85 -14.57
C GLU B 215 -8.59 -23.24 -14.26
N ALA B 216 -7.32 -23.48 -14.59
CA ALA B 216 -6.71 -24.79 -14.38
C ALA B 216 -6.38 -25.02 -12.93
N VAL B 217 -5.91 -24.00 -12.22
CA VAL B 217 -5.36 -24.19 -10.90
C VAL B 217 -6.24 -23.68 -9.77
N THR B 218 -7.32 -22.95 -10.04
CA THR B 218 -8.24 -22.61 -8.97
C THR B 218 -8.91 -23.89 -8.48
N PRO B 219 -9.06 -24.06 -7.16
CA PRO B 219 -9.77 -25.25 -6.65
C PRO B 219 -11.16 -25.45 -7.26
N ILE B 220 -11.91 -24.40 -7.57
CA ILE B 220 -13.24 -24.63 -8.17
C ILE B 220 -13.17 -24.84 -9.67
N ARG B 221 -11.97 -24.78 -10.26
CA ARG B 221 -11.71 -25.16 -11.65
C ARG B 221 -12.50 -24.29 -12.63
N ARG B 222 -12.73 -23.04 -12.30
CA ARG B 222 -13.29 -22.05 -13.22
C ARG B 222 -12.85 -20.69 -12.72
N THR B 223 -12.91 -19.70 -13.59
CA THR B 223 -12.67 -18.35 -13.12
C THR B 223 -13.98 -17.75 -12.62
N VAL B 224 -13.86 -16.71 -11.79
CA VAL B 224 -15.03 -16.12 -11.17
C VAL B 224 -15.71 -15.17 -12.16
N THR B 225 -16.96 -14.87 -11.88
CA THR B 225 -17.78 -14.01 -12.71
C THR B 225 -18.21 -12.78 -11.91
N ILE B 226 -18.65 -11.74 -12.63
CA ILE B 226 -19.22 -10.59 -11.94
C ILE B 226 -20.46 -11.00 -11.17
N GLU B 227 -21.08 -12.12 -11.53
CA GLU B 227 -22.18 -12.63 -10.71
C GLU B 227 -21.67 -13.21 -9.39
N ASP B 228 -20.58 -13.99 -9.40
CA ASP B 228 -20.00 -14.42 -8.12
C ASP B 228 -19.66 -13.23 -7.25
N VAL B 229 -18.92 -12.26 -7.82
CA VAL B 229 -18.48 -11.10 -7.05
C VAL B 229 -19.69 -10.32 -6.58
N GLY B 230 -20.69 -10.15 -7.45
CA GLY B 230 -21.86 -9.39 -7.08
C GLY B 230 -22.59 -9.98 -5.87
N ASN B 231 -22.69 -11.32 -5.83
CA ASN B 231 -23.37 -11.96 -4.71
C ASN B 231 -22.61 -11.74 -3.41
N SER B 232 -21.29 -11.93 -3.43
CA SER B 232 -20.48 -11.64 -2.24
C SER B 232 -20.58 -10.16 -1.85
N ALA B 233 -20.58 -9.28 -2.84
CA ALA B 233 -20.64 -7.85 -2.54
C ALA B 233 -21.97 -7.49 -1.88
N ALA B 234 -23.08 -7.99 -2.43
CA ALA B 234 -24.39 -7.82 -1.81
C ALA B 234 -24.39 -8.28 -0.36
N PHE B 235 -23.85 -9.48 -0.10
CA PHE B 235 -23.75 -9.96 1.27
C PHE B 235 -22.97 -8.99 2.16
N LEU B 236 -21.80 -8.52 1.68
CA LEU B 236 -20.90 -7.71 2.49
C LEU B 236 -21.42 -6.30 2.72
N CYS B 237 -22.36 -5.83 1.88
CA CYS B 237 -23.03 -4.55 2.13
C CYS B 237 -24.38 -4.71 2.82
N SER B 238 -24.77 -5.92 3.16
CA SER B 238 -26.01 -6.25 3.85
C SER B 238 -25.79 -6.41 5.34
N ASP B 239 -26.89 -6.41 6.09
CA ASP B 239 -26.82 -6.65 7.52
C ASP B 239 -26.52 -8.10 7.87
N LEU B 240 -26.56 -9.02 6.90
CA LEU B 240 -26.10 -10.38 7.14
C LEU B 240 -24.63 -10.42 7.49
N SER B 241 -23.86 -9.41 7.06
CA SER B 241 -22.42 -9.40 7.29
C SER B 241 -22.06 -8.50 8.47
N ALA B 242 -23.02 -8.30 9.40
CA ALA B 242 -22.85 -7.39 10.51
C ALA B 242 -21.62 -7.69 11.36
N GLY B 243 -21.14 -8.94 11.35
CA GLY B 243 -19.95 -9.22 12.11
C GLY B 243 -18.62 -9.10 11.38
N ILE B 244 -18.60 -8.62 10.14
CA ILE B 244 -17.39 -8.56 9.32
C ILE B 244 -17.04 -7.11 9.01
N SER B 245 -15.86 -6.67 9.45
CA SER B 245 -15.35 -5.36 9.04
C SER B 245 -13.84 -5.38 8.93
N GLY B 246 -13.33 -4.53 8.04
CA GLY B 246 -11.90 -4.46 7.83
C GLY B 246 -11.30 -5.68 7.17
N GLU B 247 -12.13 -6.49 6.52
CA GLU B 247 -11.73 -7.77 5.95
C GLU B 247 -11.56 -7.69 4.43
N VAL B 248 -10.53 -8.36 3.93
CA VAL B 248 -10.34 -8.57 2.50
C VAL B 248 -10.78 -10.00 2.20
N VAL B 249 -11.96 -10.14 1.62
CA VAL B 249 -12.53 -11.46 1.36
C VAL B 249 -12.10 -11.89 -0.04
N HIS B 250 -11.43 -13.05 -0.14
CA HIS B 250 -11.01 -13.53 -1.46
C HIS B 250 -12.16 -14.22 -2.20
N VAL B 251 -12.55 -13.63 -3.34
CA VAL B 251 -13.58 -14.21 -4.20
C VAL B 251 -12.86 -14.54 -5.49
N ASP B 252 -12.05 -15.60 -5.42
CA ASP B 252 -11.06 -15.97 -6.42
C ASP B 252 -11.17 -17.45 -6.75
N GLY B 253 -12.20 -18.11 -6.26
CA GLY B 253 -12.31 -19.55 -6.40
C GLY B 253 -11.31 -20.35 -5.60
N GLY B 254 -10.66 -19.74 -4.62
CA GLY B 254 -9.59 -20.40 -3.91
C GLY B 254 -8.23 -20.29 -4.58
N PHE B 255 -8.11 -19.50 -5.66
CA PHE B 255 -6.84 -19.46 -6.37
C PHE B 255 -5.67 -19.15 -5.46
N SER B 256 -5.82 -18.15 -4.57
CA SER B 256 -4.65 -17.67 -3.85
C SER B 256 -4.17 -18.63 -2.80
N ILE B 257 -4.97 -19.64 -2.42
CA ILE B 257 -4.56 -20.50 -1.30
C ILE B 257 -3.92 -21.78 -1.76
N ALA B 258 -3.73 -21.96 -3.07
CA ALA B 258 -3.06 -23.14 -3.57
C ALA B 258 -1.76 -22.74 -4.25
N ALA B 259 -0.88 -23.72 -4.42
CA ALA B 259 0.42 -23.47 -5.03
C ALA B 259 0.89 -24.76 -5.70
N MET B 260 1.55 -24.59 -6.84
CA MET B 260 2.14 -25.67 -7.64
C MET B 260 1.09 -26.66 -8.13
N ASN B 261 -0.14 -26.16 -8.29
CA ASN B 261 -1.21 -26.90 -8.95
C ASN B 261 -0.97 -27.03 -10.44
N GLU B 262 -0.21 -26.12 -11.05
CA GLU B 262 0.02 -26.16 -12.49
C GLU B 262 0.77 -27.42 -12.91
N LEU B 263 1.55 -28.01 -12.01
CA LEU B 263 2.34 -29.19 -12.33
C LEU B 263 1.50 -30.46 -12.41
N GLU B 264 0.18 -30.29 -12.55
CA GLU B 264 -0.74 -31.42 -12.73
C GLU B 264 -0.68 -32.40 -11.56
#